data_4ITZ
#
_entry.id   4ITZ
#
_cell.length_a   53.123
_cell.length_b   45.798
_cell.length_c   54.786
_cell.angle_alpha   90.00
_cell.angle_beta   112.47
_cell.angle_gamma   90.00
#
_symmetry.space_group_name_H-M   'P 1 21 1'
#
loop_
_entity.id
_entity.type
_entity.pdbx_description
1 polymer '70 kDa peptidylprolyl isomerase'
2 polymer 'substrate peptide'
3 non-polymer 'SULFATE ION'
4 water water
#
loop_
_entity_poly.entity_id
_entity_poly.type
_entity_poly.pdbx_seq_one_letter_code
_entity_poly.pdbx_strand_id
1 'polypeptide(L)'
;MEQETLEQVHLTEDGGVVKTILRKGEGGEENAPKKGNEVTVHYVGKLESSGKVFDSSRERNVPFKFHLGQGEVIKGWDIC
VASMTKNEKCSVRLDSKYGYGEEGCGESIPGNSVLIFEIELISFRE
;
A,B
2 'polypeptide(L)' (SIN)ALPF(NIT) C
#
loop_
_chem_comp.id
_chem_comp.type
_chem_comp.name
_chem_comp.formula
NIT non-polymer 4-NITROANILINE 'C6 H6 N2 O2'
SIN non-polymer 'SUCCINIC ACID' 'C4 H6 O4'
SO4 non-polymer 'SULFATE ION' 'O4 S -2'
#
# COMPACT_ATOMS: atom_id res chain seq x y z
N LEU A 6 -19.81 19.65 13.08
CA LEU A 6 -18.44 19.39 13.53
C LEU A 6 -17.47 20.31 12.80
N GLU A 7 -16.45 20.75 13.53
CA GLU A 7 -15.46 21.68 12.97
C GLU A 7 -14.58 20.97 11.96
N GLN A 8 -14.27 21.65 10.86
CA GLN A 8 -13.40 21.05 9.87
C GLN A 8 -12.03 21.67 10.01
N VAL A 9 -11.03 20.83 10.11
CA VAL A 9 -9.66 21.27 10.16
C VAL A 9 -8.98 21.19 8.78
N HIS A 10 -8.56 22.34 8.26
CA HIS A 10 -7.80 22.32 7.01
C HIS A 10 -6.33 22.05 7.34
N LEU A 11 -5.82 20.92 6.84
CA LEU A 11 -4.45 20.48 7.15
C LEU A 11 -3.42 21.01 6.14
N THR A 12 -3.90 21.53 5.02
CA THR A 12 -3.03 22.21 4.04
C THR A 12 -3.68 23.56 3.72
N GLU A 13 -2.94 24.48 3.10
CA GLU A 13 -3.51 25.81 2.90
C GLU A 13 -4.31 25.98 1.62
N ASP A 14 -4.31 24.92 0.81
CA ASP A 14 -5.01 24.93 -0.47
C ASP A 14 -6.37 24.25 -0.35
N GLY A 15 -6.74 23.83 0.87
CA GLY A 15 -8.04 23.24 1.13
C GLY A 15 -8.15 21.85 0.55
N GLY A 16 -7.01 21.31 0.16
CA GLY A 16 -6.94 19.98 -0.42
C GLY A 16 -6.92 18.81 0.55
N VAL A 17 -6.71 19.07 1.83
CA VAL A 17 -6.81 18.02 2.86
C VAL A 17 -7.63 18.58 4.02
N VAL A 18 -8.86 18.13 4.17
CA VAL A 18 -9.76 18.73 5.16
C VAL A 18 -10.32 17.60 6.02
N LYS A 19 -9.96 17.62 7.30
CA LYS A 19 -10.34 16.59 8.28
C LYS A 19 -11.49 17.02 9.19
N THR A 20 -12.46 16.12 9.37
CA THR A 20 -13.53 16.36 10.33
C THR A 20 -13.38 15.25 11.34
N ILE A 21 -13.19 15.59 12.61
CA ILE A 21 -13.11 14.55 13.65
C ILE A 21 -14.48 14.04 14.09
N LEU A 22 -14.71 12.74 13.97
CA LEU A 22 -15.98 12.14 14.38
C LEU A 22 -15.92 11.60 15.79
N ARG A 23 -14.78 11.04 16.15
CA ARG A 23 -14.57 10.60 17.52
C ARG A 23 -13.22 11.13 17.98
N LYS A 24 -13.22 11.92 19.03
CA LYS A 24 -11.98 12.46 19.56
C LYS A 24 -11.12 11.33 20.08
N GLY A 25 -9.85 11.33 19.67
CA GLY A 25 -8.92 10.45 20.30
C GLY A 25 -8.45 10.81 21.72
N GLU A 26 -7.42 10.09 22.13
CA GLU A 26 -6.87 10.29 23.46
C GLU A 26 -5.91 11.47 23.44
N GLY A 27 -5.87 12.22 24.52
CA GLY A 27 -4.99 13.37 24.62
C GLY A 27 -3.60 12.98 25.07
N GLY A 28 -2.72 13.96 25.24
CA GLY A 28 -1.34 13.71 25.64
C GLY A 28 -0.43 13.35 24.47
N GLU A 29 0.83 13.78 24.55
CA GLU A 29 1.79 13.56 23.47
C GLU A 29 2.05 12.08 23.19
N GLU A 30 1.91 11.24 24.22
CA GLU A 30 2.17 9.78 24.10
C GLU A 30 1.16 9.12 23.19
N ASN A 31 0.05 9.82 22.94
CA ASN A 31 -0.99 9.34 22.04
C ASN A 31 -0.97 9.96 20.64
N ALA A 32 0.10 10.69 20.28
CA ALA A 32 0.28 11.25 18.92
C ALA A 32 1.48 10.64 18.14
N PRO A 33 1.24 10.14 16.91
CA PRO A 33 2.31 9.40 16.21
C PRO A 33 3.40 10.31 15.63
N LYS A 34 4.62 9.79 15.47
CA LYS A 34 5.71 10.60 14.93
C LYS A 34 6.22 10.01 13.62
N LYS A 35 6.90 10.84 12.83
CA LYS A 35 7.41 10.39 11.55
C LYS A 35 8.20 9.09 11.68
N GLY A 36 7.83 8.07 10.89
CA GLY A 36 8.60 6.85 10.88
C GLY A 36 7.90 5.74 11.64
N ASN A 37 7.04 6.13 12.56
CA ASN A 37 6.32 5.15 13.38
C ASN A 37 5.44 4.29 12.50
N GLU A 38 5.27 3.04 12.90
CA GLU A 38 4.28 2.20 12.25
C GLU A 38 2.94 2.56 12.87
N VAL A 39 1.97 2.93 12.03
CA VAL A 39 0.63 3.23 12.52
C VAL A 39 -0.29 2.11 12.07
N THR A 40 -1.30 1.83 12.86
CA THR A 40 -2.27 0.80 12.50
C THR A 40 -3.61 1.51 12.39
N VAL A 41 -4.29 1.36 11.25
CA VAL A 41 -5.53 2.10 11.02
C VAL A 41 -6.60 1.20 10.44
N HIS A 42 -7.87 1.62 10.57
CA HIS A 42 -8.89 1.07 9.71
C HIS A 42 -9.34 2.22 8.82
N TYR A 43 -9.75 1.91 7.58
CA TYR A 43 -10.18 2.99 6.69
C TYR A 43 -11.22 2.49 5.73
N VAL A 44 -11.99 3.42 5.18
CA VAL A 44 -12.84 3.14 4.05
C VAL A 44 -12.70 4.32 3.11
N GLY A 45 -12.44 4.09 1.82
CA GLY A 45 -12.30 5.17 0.85
C GLY A 45 -13.39 5.12 -0.20
N LYS A 46 -13.97 6.27 -0.53
CA LYS A 46 -14.95 6.34 -1.62
C LYS A 46 -14.62 7.52 -2.51
N LEU A 47 -15.16 7.49 -3.73
CA LEU A 47 -15.07 8.68 -4.58
C LEU A 47 -16.12 9.73 -4.18
N GLU A 48 -15.75 11.00 -4.09
CA GLU A 48 -16.78 12.00 -3.77
C GLU A 48 -17.86 12.07 -4.81
N SER A 49 -17.45 11.93 -6.07
CA SER A 49 -18.36 12.26 -7.16
C SER A 49 -19.47 11.22 -7.25
N SER A 50 -19.12 9.94 -7.10
CA SER A 50 -20.08 8.87 -7.33
C SER A 50 -20.50 8.25 -6.02
N GLY A 51 -19.76 8.54 -4.96
CA GLY A 51 -19.99 7.93 -3.65
C GLY A 51 -19.60 6.45 -3.60
N LYS A 52 -18.96 5.92 -4.65
CA LYS A 52 -18.68 4.47 -4.64
C LYS A 52 -17.42 4.14 -3.85
N VAL A 53 -17.53 3.16 -2.95
CA VAL A 53 -16.36 2.72 -2.18
C VAL A 53 -15.37 1.93 -3.07
N PHE A 54 -14.11 2.31 -3.01
CA PHE A 54 -13.13 1.61 -3.83
C PHE A 54 -12.24 0.72 -3.01
N ASP A 55 -12.13 0.98 -1.71
CA ASP A 55 -11.30 0.11 -0.85
C ASP A 55 -11.65 0.27 0.62
N SER A 56 -11.41 -0.76 1.41
CA SER A 56 -11.79 -0.73 2.81
C SER A 56 -11.01 -1.82 3.53
N SER A 57 -10.39 -1.48 4.66
CA SER A 57 -9.73 -2.48 5.49
C SER A 57 -10.76 -3.21 6.36
N ARG A 58 -11.93 -2.61 6.49
CA ARG A 58 -13.00 -3.24 7.27
C ARG A 58 -13.66 -4.42 6.57
N GLU A 59 -13.64 -4.38 5.24
CA GLU A 59 -14.13 -5.50 4.43
C GLU A 59 -13.51 -6.85 4.79
N ARG A 60 -12.17 -6.91 4.89
CA ARG A 60 -11.55 -8.17 5.25
C ARG A 60 -11.34 -8.24 6.74
N ASN A 61 -11.67 -7.14 7.43
CA ASN A 61 -11.50 -7.12 8.88
C ASN A 61 -10.03 -7.26 9.25
N VAL A 62 -9.19 -6.55 8.52
CA VAL A 62 -7.76 -6.56 8.79
C VAL A 62 -7.26 -5.12 8.94
N PRO A 63 -6.91 -4.73 10.17
CA PRO A 63 -6.32 -3.39 10.36
C PRO A 63 -5.08 -3.24 9.48
N PHE A 64 -4.97 -2.06 8.87
CA PHE A 64 -3.94 -1.79 7.87
C PHE A 64 -2.79 -1.06 8.54
N LYS A 65 -1.56 -1.47 8.24
CA LYS A 65 -0.38 -0.86 8.86
C LYS A 65 0.54 -0.23 7.83
N PHE A 66 1.08 0.95 8.17
CA PHE A 66 2.09 1.56 7.30
C PHE A 66 3.03 2.43 8.14
N HIS A 67 4.13 2.81 7.52
CA HIS A 67 5.12 3.63 8.21
C HIS A 67 4.84 5.11 7.86
N LEU A 68 4.54 5.90 8.89
CA LEU A 68 4.06 7.29 8.72
C LEU A 68 5.10 8.17 8.07
N GLY A 69 4.69 8.90 7.04
CA GLY A 69 5.52 9.95 6.46
C GLY A 69 6.60 9.40 5.57
N GLN A 70 6.48 8.13 5.20
CA GLN A 70 7.51 7.51 4.39
C GLN A 70 7.10 7.34 2.93
N GLY A 71 5.92 7.80 2.55
CA GLY A 71 5.46 7.62 1.18
C GLY A 71 5.08 6.20 0.82
N GLU A 72 4.55 5.46 1.79
CA GLU A 72 4.08 4.10 1.50
C GLU A 72 2.64 4.18 1.10
N VAL A 73 2.04 5.34 1.36
CA VAL A 73 0.65 5.60 1.03
C VAL A 73 0.55 6.99 0.42
N ILE A 74 -0.64 7.33 -0.08
CA ILE A 74 -0.84 8.60 -0.76
C ILE A 74 -0.56 9.79 0.16
N LYS A 75 -0.20 10.93 -0.40
CA LYS A 75 0.22 12.08 0.42
C LYS A 75 -0.84 12.51 1.44
N GLY A 76 -2.11 12.46 1.05
CA GLY A 76 -3.17 12.93 1.94
C GLY A 76 -3.27 12.11 3.22
N TRP A 77 -2.91 10.84 3.12
CA TRP A 77 -2.92 9.96 4.29
C TRP A 77 -1.76 10.34 5.20
N ASP A 78 -0.57 10.50 4.63
CA ASP A 78 0.56 10.89 5.48
C ASP A 78 0.25 12.21 6.22
N ILE A 79 -0.38 13.14 5.53
CA ILE A 79 -0.77 14.39 6.18
C ILE A 79 -1.87 14.19 7.24
N CYS A 80 -2.92 13.48 6.85
CA CYS A 80 -4.06 13.31 7.76
C CYS A 80 -3.67 12.51 9.00
N VAL A 81 -3.00 11.36 8.82
CA VAL A 81 -2.72 10.52 9.98
C VAL A 81 -1.72 11.19 10.93
N ALA A 82 -0.81 11.98 10.39
CA ALA A 82 0.11 12.73 11.24
C ALA A 82 -0.57 13.74 12.21
N SER A 83 -1.81 14.09 11.89
CA SER A 83 -2.58 15.04 12.70
C SER A 83 -3.45 14.31 13.71
N MET A 84 -3.49 12.99 13.65
CA MET A 84 -4.44 12.26 14.51
C MET A 84 -3.84 11.81 15.83
N THR A 85 -4.70 11.45 16.79
CA THR A 85 -4.22 10.86 18.03
C THR A 85 -4.84 9.47 18.21
N LYS A 86 -4.30 8.70 19.14
CA LYS A 86 -4.75 7.33 19.30
C LYS A 86 -6.24 7.28 19.61
N ASN A 87 -6.94 6.42 18.87
CA ASN A 87 -8.37 6.19 18.95
C ASN A 87 -9.23 7.22 18.24
N GLU A 88 -8.59 8.20 17.60
CA GLU A 88 -9.36 9.15 16.82
C GLU A 88 -10.00 8.53 15.57
N LYS A 89 -11.26 8.89 15.31
CA LYS A 89 -11.89 8.55 14.06
C LYS A 89 -12.21 9.84 13.33
N CYS A 90 -11.80 9.93 12.08
CA CYS A 90 -12.10 11.09 11.26
C CYS A 90 -12.66 10.75 9.89
N SER A 91 -13.22 11.78 9.24
CA SER A 91 -13.44 11.75 7.82
C SER A 91 -12.52 12.78 7.20
N VAL A 92 -11.87 12.45 6.08
CA VAL A 92 -10.98 13.45 5.46
C VAL A 92 -11.27 13.49 3.96
N ARG A 93 -11.30 14.72 3.43
CA ARG A 93 -11.59 14.97 2.04
C ARG A 93 -10.29 15.37 1.40
N LEU A 94 -9.87 14.61 0.38
CA LEU A 94 -8.61 14.80 -0.35
C LEU A 94 -8.84 15.24 -1.79
N ASP A 95 -8.34 16.41 -2.14
CA ASP A 95 -8.27 16.81 -3.54
CA ASP A 95 -8.26 16.80 -3.55
C ASP A 95 -7.29 15.84 -4.24
N SER A 96 -7.40 15.72 -5.57
CA SER A 96 -6.61 14.72 -6.31
C SER A 96 -5.13 14.95 -6.15
N LYS A 97 -4.77 16.21 -5.95
CA LYS A 97 -3.37 16.53 -5.71
C LYS A 97 -2.76 15.70 -4.56
N TYR A 98 -3.58 15.33 -3.59
CA TYR A 98 -3.11 14.60 -2.41
C TYR A 98 -3.52 13.14 -2.47
N GLY A 99 -4.11 12.77 -3.61
CA GLY A 99 -4.55 11.41 -3.85
C GLY A 99 -3.77 10.84 -5.03
N TYR A 100 -4.48 10.55 -6.11
CA TYR A 100 -3.84 9.97 -7.28
C TYR A 100 -3.67 10.85 -8.50
N GLY A 101 -3.81 12.17 -8.30
CA GLY A 101 -3.49 13.15 -9.30
C GLY A 101 -4.30 13.07 -10.58
N GLU A 102 -3.70 13.56 -11.66
CA GLU A 102 -4.33 13.67 -12.96
C GLU A 102 -4.61 12.34 -13.63
N GLU A 103 -3.82 11.31 -13.28
CA GLU A 103 -3.94 10.07 -14.00
C GLU A 103 -4.86 9.05 -13.28
N GLY A 104 -5.09 9.26 -11.99
CA GLY A 104 -5.86 8.31 -11.19
C GLY A 104 -5.08 7.02 -11.00
N CYS A 105 -5.74 5.97 -10.53
CA CYS A 105 -5.00 4.72 -10.32
C CYS A 105 -5.96 3.53 -10.46
N GLY A 106 -5.69 2.63 -11.38
CA GLY A 106 -6.44 1.39 -11.47
C GLY A 106 -7.88 1.58 -11.91
N GLU A 107 -8.69 0.54 -11.71
CA GLU A 107 -10.02 0.53 -12.29
C GLU A 107 -11.00 1.48 -11.60
N SER A 108 -10.79 1.74 -10.31
CA SER A 108 -11.82 2.48 -9.53
C SER A 108 -11.58 3.97 -9.32
N ILE A 109 -10.42 4.47 -9.72
CA ILE A 109 -10.06 5.85 -9.41
C ILE A 109 -9.64 6.63 -10.65
N PRO A 110 -10.56 7.42 -11.17
CA PRO A 110 -10.35 8.19 -12.38
C PRO A 110 -9.34 9.28 -12.11
N GLY A 111 -8.80 9.87 -13.18
CA GLY A 111 -7.95 11.05 -13.02
C GLY A 111 -8.76 12.15 -12.36
N ASN A 112 -8.11 12.99 -11.55
CA ASN A 112 -8.73 14.21 -10.99
C ASN A 112 -9.90 13.98 -10.06
N SER A 113 -9.85 12.84 -9.40
CA SER A 113 -10.88 12.40 -8.45
C SER A 113 -10.66 12.93 -7.05
N VAL A 114 -11.69 13.56 -6.46
CA VAL A 114 -11.66 13.84 -5.03
C VAL A 114 -12.01 12.61 -4.22
N LEU A 115 -11.19 12.30 -3.21
CA LEU A 115 -11.40 11.12 -2.39
C LEU A 115 -11.87 11.46 -0.99
N ILE A 116 -12.80 10.65 -0.45
CA ILE A 116 -13.19 10.83 0.95
C ILE A 116 -12.83 9.56 1.69
N PHE A 117 -12.07 9.68 2.78
CA PHE A 117 -11.77 8.51 3.60
C PHE A 117 -12.27 8.66 5.00
N GLU A 118 -12.81 7.59 5.57
CA GLU A 118 -13.01 7.55 7.01
C GLU A 118 -11.82 6.79 7.56
N ILE A 119 -11.07 7.38 8.49
CA ILE A 119 -9.82 6.74 8.96
C ILE A 119 -9.90 6.68 10.49
N GLU A 120 -9.62 5.51 11.06
CA GLU A 120 -9.55 5.37 12.52
C GLU A 120 -8.12 5.07 12.88
N LEU A 121 -7.48 5.84 13.78
CA LEU A 121 -6.09 5.51 14.15
C LEU A 121 -6.18 4.60 15.36
N ILE A 122 -5.85 3.31 15.20
CA ILE A 122 -6.04 2.37 16.31
C ILE A 122 -4.87 2.40 17.33
N SER A 123 -3.65 2.36 16.82
CA SER A 123 -2.46 2.30 17.65
C SER A 123 -1.29 2.67 16.78
N PHE A 124 -0.15 2.87 17.43
CA PHE A 124 1.09 3.07 16.71
C PHE A 124 2.27 2.71 17.61
N ARG A 125 3.40 2.41 16.99
CA ARG A 125 4.61 2.11 17.75
C ARG A 125 5.82 2.66 16.99
N GLU A 126 6.99 2.71 17.63
CA GLU A 126 8.22 3.08 16.89
C GLU A 126 8.60 2.07 15.81
N LEU B 6 18.50 -20.31 -14.69
CA LEU B 6 17.61 -20.45 -13.54
C LEU B 6 16.19 -20.81 -13.95
N GLU B 7 15.51 -21.50 -13.04
CA GLU B 7 14.15 -21.94 -13.28
C GLU B 7 13.19 -20.76 -13.17
N GLN B 8 12.23 -20.71 -14.08
CA GLN B 8 11.18 -19.72 -13.97
C GLN B 8 9.86 -20.37 -13.55
N VAL B 9 9.31 -19.96 -12.40
CA VAL B 9 8.13 -20.65 -11.89
C VAL B 9 6.89 -19.83 -12.27
N HIS B 10 6.03 -20.41 -13.10
CA HIS B 10 4.80 -19.77 -13.48
C HIS B 10 3.77 -19.99 -12.39
N LEU B 11 3.47 -18.93 -11.64
CA LEU B 11 2.66 -19.01 -10.44
C LEU B 11 1.17 -18.94 -10.77
N THR B 12 0.85 -18.58 -12.01
CA THR B 12 -0.53 -18.60 -12.53
C THR B 12 -0.49 -19.30 -13.91
N GLU B 13 -1.60 -19.87 -14.35
CA GLU B 13 -1.57 -20.64 -15.59
C GLU B 13 -1.52 -19.75 -16.83
N ASP B 14 -1.83 -18.48 -16.65
CA ASP B 14 -1.81 -17.52 -17.75
C ASP B 14 -0.46 -16.89 -18.06
N GLY B 15 0.58 -17.31 -17.32
CA GLY B 15 1.90 -16.73 -17.47
C GLY B 15 2.03 -15.30 -16.98
N GLY B 16 1.03 -14.86 -16.23
CA GLY B 16 1.02 -13.49 -15.78
C GLY B 16 1.85 -13.19 -14.54
N VAL B 17 2.30 -14.21 -13.80
CA VAL B 17 3.11 -14.00 -12.62
C VAL B 17 4.19 -15.05 -12.74
N VAL B 18 5.39 -14.60 -13.08
CA VAL B 18 6.47 -15.57 -13.34
C VAL B 18 7.63 -15.20 -12.44
N LYS B 19 7.98 -16.12 -11.55
CA LYS B 19 8.97 -15.82 -10.50
C LYS B 19 10.28 -16.56 -10.81
N THR B 20 11.38 -15.81 -10.82
CA THR B 20 12.72 -16.38 -10.91
C THR B 20 13.43 -16.26 -9.59
N ILE B 21 13.87 -17.38 -9.05
CA ILE B 21 14.51 -17.33 -7.75
C ILE B 21 15.98 -16.98 -7.92
N LEU B 22 16.39 -15.87 -7.31
CA LEU B 22 17.80 -15.47 -7.36
C LEU B 22 18.58 -16.04 -6.19
N ARG B 23 17.97 -16.01 -5.01
CA ARG B 23 18.61 -16.58 -3.84
C ARG B 23 17.56 -17.49 -3.18
N LYS B 24 17.86 -18.78 -3.09
CA LYS B 24 17.00 -19.72 -2.38
CA LYS B 24 16.96 -19.69 -2.39
C LYS B 24 16.91 -19.34 -0.92
N GLY B 25 15.70 -19.30 -0.37
CA GLY B 25 15.54 -19.11 1.06
C GLY B 25 15.64 -20.40 1.87
N GLU B 26 15.14 -20.34 3.10
CA GLU B 26 15.24 -21.46 4.02
C GLU B 26 14.07 -22.42 3.83
N GLY B 27 14.34 -23.71 3.96
CA GLY B 27 13.27 -24.70 3.89
C GLY B 27 12.68 -24.96 5.27
N GLY B 28 11.69 -25.85 5.31
CA GLY B 28 11.01 -26.14 6.56
C GLY B 28 9.68 -25.40 6.56
N GLU B 29 8.63 -26.11 6.96
CA GLU B 29 7.29 -25.51 6.97
C GLU B 29 7.24 -24.21 7.78
N GLU B 30 8.03 -24.15 8.85
CA GLU B 30 8.04 -22.98 9.72
C GLU B 30 8.63 -21.76 9.03
N ASN B 31 9.26 -21.97 7.87
CA ASN B 31 9.92 -20.86 7.18
C ASN B 31 9.17 -20.38 5.95
N ALA B 32 7.94 -20.85 5.77
CA ALA B 32 7.10 -20.38 4.69
C ALA B 32 5.88 -19.67 5.27
N PRO B 33 5.57 -18.47 4.76
CA PRO B 33 4.45 -17.71 5.35
C PRO B 33 3.08 -18.32 5.06
N LYS B 34 2.10 -17.99 5.90
CA LYS B 34 0.75 -18.50 5.73
C LYS B 34 -0.17 -17.32 5.51
N LYS B 35 -1.32 -17.57 4.90
CA LYS B 35 -2.28 -16.52 4.60
C LYS B 35 -2.60 -15.73 5.88
N GLY B 36 -2.60 -14.40 5.78
CA GLY B 36 -2.91 -13.54 6.92
C GLY B 36 -1.68 -13.05 7.65
N ASN B 37 -0.56 -13.77 7.52
CA ASN B 37 0.68 -13.41 8.25
C ASN B 37 1.19 -12.03 7.80
N GLU B 38 1.81 -11.31 8.71
CA GLU B 38 2.43 -10.06 8.32
C GLU B 38 3.79 -10.45 7.75
N VAL B 39 4.03 -10.05 6.51
CA VAL B 39 5.31 -10.30 5.85
C VAL B 39 6.11 -9.00 5.81
N THR B 40 7.42 -9.11 5.97
CA THR B 40 8.31 -7.95 5.87
C THR B 40 9.22 -8.18 4.67
N VAL B 41 9.20 -7.25 3.73
CA VAL B 41 9.95 -7.41 2.48
C VAL B 41 10.76 -6.16 2.16
N HIS B 42 11.81 -6.37 1.38
CA HIS B 42 12.36 -5.26 0.62
C HIS B 42 12.01 -5.51 -0.84
N TYR B 43 11.79 -4.43 -1.58
CA TYR B 43 11.45 -4.58 -2.99
C TYR B 43 11.94 -3.40 -3.81
N VAL B 44 12.15 -3.69 -5.09
CA VAL B 44 12.44 -2.67 -6.09
C VAL B 44 11.57 -2.98 -7.30
N GLY B 45 10.71 -2.03 -7.68
CA GLY B 45 9.85 -2.22 -8.84
C GLY B 45 10.22 -1.32 -9.98
N LYS B 46 10.32 -1.90 -11.17
CA LYS B 46 10.57 -1.14 -12.39
C LYS B 46 9.64 -1.55 -13.51
N LEU B 47 9.50 -0.66 -14.49
CA LEU B 47 8.76 -1.04 -15.69
C LEU B 47 9.59 -2.00 -16.53
N GLU B 48 8.99 -3.09 -17.04
CA GLU B 48 9.77 -4.00 -17.87
C GLU B 48 10.30 -3.26 -19.11
N SER B 49 9.46 -2.43 -19.72
CA SER B 49 9.79 -1.84 -21.02
C SER B 49 11.04 -0.96 -20.97
N SER B 50 11.08 -0.07 -19.99
CA SER B 50 12.09 0.97 -19.92
C SER B 50 13.14 0.66 -18.84
N GLY B 51 12.84 -0.28 -17.95
CA GLY B 51 13.70 -0.55 -16.82
C GLY B 51 13.75 0.58 -15.81
N LYS B 52 12.78 1.52 -15.91
CA LYS B 52 12.75 2.66 -14.99
C LYS B 52 12.15 2.25 -13.61
N VAL B 53 12.88 2.49 -12.52
CA VAL B 53 12.39 2.14 -11.18
C VAL B 53 11.32 3.13 -10.77
N PHE B 54 10.15 2.63 -10.37
CA PHE B 54 9.07 3.53 -9.94
C PHE B 54 8.82 3.54 -8.44
N ASP B 55 9.28 2.51 -7.73
CA ASP B 55 9.04 2.48 -6.28
C ASP B 55 10.00 1.47 -5.70
N SER B 56 10.53 1.77 -4.53
CA SER B 56 11.50 0.90 -3.92
C SER B 56 11.52 1.17 -2.43
N SER B 57 11.40 0.10 -1.63
CA SER B 57 11.52 0.25 -0.18
C SER B 57 12.97 0.42 0.19
N ARG B 58 13.85 0.06 -0.73
CA ARG B 58 15.26 0.16 -0.43
C ARG B 58 15.70 1.61 -0.48
N GLU B 59 14.98 2.41 -1.25
CA GLU B 59 15.25 3.83 -1.35
C GLU B 59 15.30 4.52 0.01
N ARG B 60 14.20 4.39 0.76
CA ARG B 60 14.04 4.98 2.08
CA ARG B 60 14.13 5.00 2.09
C ARG B 60 14.70 4.10 3.15
N ASN B 61 15.20 2.95 2.72
CA ASN B 61 15.69 1.93 3.62
C ASN B 61 14.69 1.63 4.76
N VAL B 62 13.44 1.39 4.38
CA VAL B 62 12.42 1.04 5.36
C VAL B 62 11.76 -0.22 4.81
N PRO B 63 12.02 -1.39 5.45
CA PRO B 63 11.37 -2.61 4.94
C PRO B 63 9.87 -2.45 4.97
N PHE B 64 9.19 -2.99 3.97
CA PHE B 64 7.77 -2.76 3.79
C PHE B 64 7.01 -3.95 4.34
N LYS B 65 5.94 -3.70 5.10
CA LYS B 65 5.16 -4.78 5.71
C LYS B 65 3.76 -4.80 5.19
N PHE B 66 3.23 -6.00 4.93
CA PHE B 66 1.81 -6.12 4.61
C PHE B 66 1.27 -7.45 5.07
N HIS B 67 -0.06 -7.59 5.05
CA HIS B 67 -0.68 -8.83 5.49
C HIS B 67 -0.99 -9.69 4.27
N LEU B 68 -0.38 -10.88 4.24
CA LEU B 68 -0.34 -11.68 3.03
C LEU B 68 -1.72 -12.19 2.67
N GLY B 69 -2.09 -11.98 1.41
CA GLY B 69 -3.31 -12.57 0.88
C GLY B 69 -4.56 -11.77 1.21
N GLN B 70 -4.37 -10.55 1.69
CA GLN B 70 -5.50 -9.74 2.23
C GLN B 70 -5.89 -8.59 1.30
N GLY B 71 -5.31 -8.57 0.11
CA GLY B 71 -5.63 -7.55 -0.89
C GLY B 71 -5.12 -6.18 -0.53
N GLU B 72 -4.04 -6.12 0.24
CA GLU B 72 -3.46 -4.84 0.68
C GLU B 72 -2.51 -4.27 -0.35
N VAL B 73 -2.12 -5.13 -1.28
CA VAL B 73 -1.10 -4.82 -2.28
C VAL B 73 -1.59 -5.33 -3.63
N ILE B 74 -0.86 -5.01 -4.70
CA ILE B 74 -1.27 -5.57 -6.00
C ILE B 74 -1.29 -7.09 -6.00
N LYS B 75 -2.16 -7.69 -6.80
CA LYS B 75 -2.38 -9.11 -6.73
C LYS B 75 -1.11 -9.91 -6.95
N GLY B 76 -0.29 -9.45 -7.87
CA GLY B 76 0.93 -10.20 -8.17
C GLY B 76 1.85 -10.32 -6.97
N TRP B 77 1.82 -9.36 -6.06
CA TRP B 77 2.61 -9.48 -4.83
C TRP B 77 2.02 -10.51 -3.89
N ASP B 78 0.71 -10.51 -3.71
CA ASP B 78 0.13 -11.52 -2.85
C ASP B 78 0.49 -12.93 -3.37
N ILE B 79 0.41 -13.14 -4.70
CA ILE B 79 0.70 -14.42 -5.30
C ILE B 79 2.15 -14.70 -5.18
N CYS B 80 3.01 -13.71 -5.44
CA CYS B 80 4.45 -14.02 -5.44
C CYS B 80 4.95 -14.34 -4.02
N VAL B 81 4.59 -13.49 -3.08
CA VAL B 81 5.11 -13.66 -1.73
C VAL B 81 4.59 -14.94 -1.08
N ALA B 82 3.39 -15.38 -1.43
CA ALA B 82 2.85 -16.59 -0.88
C ALA B 82 3.67 -17.80 -1.28
N SER B 83 4.43 -17.65 -2.37
CA SER B 83 5.28 -18.76 -2.88
C SER B 83 6.68 -18.75 -2.32
N MET B 84 7.01 -17.73 -1.54
CA MET B 84 8.40 -17.54 -1.11
C MET B 84 8.66 -18.14 0.25
N THR B 85 9.93 -18.35 0.59
CA THR B 85 10.28 -18.76 1.96
C THR B 85 11.25 -17.75 2.54
N LYS B 86 11.47 -17.82 3.85
CA LYS B 86 12.28 -16.84 4.56
C LYS B 86 13.67 -16.73 3.92
N ASN B 87 14.08 -15.48 3.65
CA ASN B 87 15.41 -15.16 3.07
C ASN B 87 15.47 -15.34 1.55
N GLU B 88 14.35 -15.78 0.94
CA GLU B 88 14.29 -15.90 -0.49
C GLU B 88 14.39 -14.52 -1.15
N LYS B 89 15.22 -14.43 -2.18
CA LYS B 89 15.19 -13.22 -3.04
C LYS B 89 14.77 -13.63 -4.44
N CYS B 90 13.80 -12.92 -5.03
CA CYS B 90 13.37 -13.26 -6.39
C CYS B 90 13.20 -12.07 -7.26
N SER B 91 13.09 -12.33 -8.58
CA SER B 91 12.63 -11.35 -9.55
C SER B 91 11.33 -11.88 -10.13
N VAL B 92 10.27 -11.09 -10.05
CA VAL B 92 8.99 -11.56 -10.57
C VAL B 92 8.49 -10.63 -11.66
N ARG B 93 7.99 -11.24 -12.72
CA ARG B 93 7.43 -10.49 -13.86
C ARG B 93 5.92 -10.52 -13.75
N LEU B 94 5.31 -9.33 -13.63
CA LEU B 94 3.85 -9.23 -13.54
C LEU B 94 3.23 -8.66 -14.82
N ASP B 95 2.35 -9.41 -15.48
CA ASP B 95 1.49 -8.83 -16.52
C ASP B 95 0.58 -7.80 -15.83
N SER B 96 0.04 -6.86 -16.61
CA SER B 96 -0.65 -5.73 -16.03
C SER B 96 -1.89 -6.21 -15.28
N LYS B 97 -2.38 -7.39 -15.66
CA LYS B 97 -3.55 -7.92 -14.96
C LYS B 97 -3.32 -8.07 -13.44
N TYR B 98 -2.06 -8.35 -13.08
CA TYR B 98 -1.63 -8.58 -11.70
C TYR B 98 -0.93 -7.38 -11.09
N GLY B 99 -1.01 -6.26 -11.82
CA GLY B 99 -0.40 -5.04 -11.37
C GLY B 99 -1.44 -3.96 -11.31
N TYR B 100 -1.27 -2.95 -12.17
CA TYR B 100 -2.21 -1.82 -12.17
C TYR B 100 -3.10 -1.77 -13.42
N GLY B 101 -3.12 -2.86 -14.16
CA GLY B 101 -4.15 -3.07 -15.15
C GLY B 101 -4.14 -2.12 -16.33
N GLU B 102 -5.29 -2.03 -16.98
CA GLU B 102 -5.46 -1.26 -18.18
C GLU B 102 -5.26 0.25 -17.98
N GLU B 103 -5.54 0.73 -16.77
CA GLU B 103 -5.51 2.14 -16.45
CA GLU B 103 -5.47 2.17 -16.54
C GLU B 103 -4.12 2.63 -15.98
N GLY B 104 -3.35 1.72 -15.42
CA GLY B 104 -2.08 2.05 -14.78
C GLY B 104 -2.32 2.83 -13.50
N CYS B 105 -1.30 3.58 -13.05
CA CYS B 105 -1.44 4.27 -11.76
C CYS B 105 -0.48 5.44 -11.70
N GLY B 106 -1.04 6.61 -11.46
CA GLY B 106 -0.26 7.83 -11.37
C GLY B 106 0.59 8.16 -12.58
N GLU B 107 1.60 8.98 -12.32
CA GLU B 107 2.54 9.46 -13.33
C GLU B 107 3.47 8.37 -13.87
N SER B 108 3.92 7.49 -12.99
CA SER B 108 5.03 6.59 -13.35
C SER B 108 4.64 5.23 -13.93
N ILE B 109 3.37 4.86 -13.85
CA ILE B 109 2.99 3.53 -14.35
C ILE B 109 1.88 3.66 -15.38
N PRO B 110 2.21 3.51 -16.66
CA PRO B 110 1.25 3.65 -17.75
C PRO B 110 0.25 2.49 -17.71
N GLY B 111 -0.90 2.69 -18.36
CA GLY B 111 -1.79 1.56 -18.59
C GLY B 111 -1.09 0.42 -19.30
N ASN B 112 -1.50 -0.80 -19.00
CA ASN B 112 -0.98 -2.00 -19.70
C ASN B 112 0.50 -2.18 -19.57
N SER B 113 1.04 -1.78 -18.42
CA SER B 113 2.47 -2.05 -18.15
C SER B 113 2.76 -3.38 -17.50
N VAL B 114 3.77 -4.05 -18.04
CA VAL B 114 4.39 -5.15 -17.34
C VAL B 114 5.38 -4.58 -16.33
N LEU B 115 5.30 -5.10 -15.12
CA LEU B 115 6.19 -4.73 -14.01
C LEU B 115 7.18 -5.81 -13.64
N ILE B 116 8.37 -5.42 -13.23
CA ILE B 116 9.33 -6.38 -12.72
C ILE B 116 9.67 -5.97 -11.31
N PHE B 117 9.49 -6.86 -10.35
CA PHE B 117 9.88 -6.55 -8.98
C PHE B 117 10.95 -7.51 -8.50
N GLU B 118 11.97 -6.96 -7.87
CA GLU B 118 12.90 -7.81 -7.13
C GLU B 118 12.36 -7.77 -5.72
N ILE B 119 12.07 -8.94 -5.15
CA ILE B 119 11.44 -8.99 -3.84
C ILE B 119 12.27 -9.93 -2.94
N GLU B 120 12.63 -9.43 -1.77
CA GLU B 120 13.29 -10.28 -0.76
C GLU B 120 12.32 -10.47 0.40
N LEU B 121 12.01 -11.73 0.74
CA LEU B 121 11.22 -11.97 1.96
C LEU B 121 12.15 -12.06 3.17
N ILE B 122 12.15 -11.00 3.99
CA ILE B 122 13.02 -10.90 5.15
C ILE B 122 12.55 -11.74 6.33
N SER B 123 11.29 -11.59 6.69
CA SER B 123 10.77 -12.29 7.86
C SER B 123 9.25 -12.22 7.80
N PHE B 124 8.60 -13.04 8.60
CA PHE B 124 7.15 -12.94 8.71
C PHE B 124 6.76 -13.37 10.11
N ARG B 125 5.55 -13.00 10.51
CA ARG B 125 4.99 -13.42 11.79
C ARG B 125 3.48 -13.54 11.67
N GLU B 126 2.83 -14.14 12.67
CA GLU B 126 1.36 -14.20 12.65
C GLU B 126 0.72 -12.82 12.78
C1 SIN C 1 1.39 6.21 -3.55
O1 SIN C 1 0.70 6.88 -4.36
C2 SIN C 1 2.20 7.00 -2.55
C3 SIN C 1 3.58 7.35 -3.08
C4 SIN C 1 3.58 7.94 -4.48
O3 SIN C 1 3.26 9.14 -4.66
O4 SIN C 1 3.93 7.23 -5.46
N ALA C 2 1.26 4.88 -3.57
CA ALA C 2 0.39 4.32 -4.59
C ALA C 2 -0.56 3.34 -3.89
N LEU C 3 -0.88 3.69 -2.63
CA LEU C 3 -1.82 2.89 -1.83
C LEU C 3 -2.62 3.81 -0.90
N PRO C 4 -3.89 3.47 -0.68
CA PRO C 4 -4.65 2.34 -1.24
C PRO C 4 -5.42 2.71 -2.53
N PHE C 5 -5.95 1.72 -3.27
CA PHE C 5 -6.67 2.00 -4.52
C PHE C 5 -7.85 1.03 -4.85
N1 NIT C 6 -7.94 0.31 -3.75
C1 NIT C 6 -7.45 -0.94 -3.83
C2 NIT C 6 -8.28 -1.90 -4.41
C3 NIT C 6 -7.82 -3.19 -4.51
C4 NIT C 6 -6.57 -3.54 -4.01
N4 NIT C 6 -6.17 -4.87 -4.15
ON1 NIT C 6 -7.11 -5.90 -4.03
ON2 NIT C 6 -5.00 -5.10 -4.38
C5 NIT C 6 -5.74 -2.58 -3.42
C6 NIT C 6 -6.20 -1.27 -3.32
S SO4 D . -7.27 -5.26 -16.01
O1 SO4 D . -5.95 -5.69 -16.45
O2 SO4 D . -8.25 -6.10 -16.69
O3 SO4 D . -7.40 -5.48 -14.54
O4 SO4 D . -7.54 -3.81 -16.24
#